data_4RCW
#
_entry.id   4RCW
#
_cell.length_a   69.607
_cell.length_b   69.607
_cell.length_c   409.946
_cell.angle_alpha   90.00
_cell.angle_beta   90.00
_cell.angle_gamma   120.00
#
_symmetry.space_group_name_H-M   'P 61 2 2'
#
loop_
_entity.id
_entity.type
_entity.pdbx_description
1 polymer 'SLIT and NTRK-like protein 1'
2 water water
#
_entity_poly.entity_id   1
_entity_poly.type   'polypeptide(L)'
_entity_poly.pdbx_seq_one_letter_code
;CPGGCSCDHIPGSGLKMNCNNRNVSSLADLKPKLSNVQELFLRDNKIHSIRKSHFVDYKNLILLDLGNNNIATVENNTFK
NLLDLRWLYMDSNYLDTLSREKFAGLQNLEYLNVEYNAIQLILPGTFNAMPKLRILILNNNLLRSLPVDVFAGVSLSKLS
LHNNYFMYLPVAGVLDQLTSIIQIDLHGNPWECSCTIVPFKQWAERLGSEVLMSDLKCETPVNFFRKDFMLLSNDEICPQ
;
_entity_poly.pdbx_strand_id   A,B
#
# COMPACT_ATOMS: atom_id res chain seq x y z
N PRO A 2 19.81 -15.33 15.65
CA PRO A 2 21.14 -14.71 15.65
C PRO A 2 21.08 -13.22 15.29
N GLY A 3 20.94 -12.38 16.31
CA GLY A 3 20.84 -12.83 17.69
C GLY A 3 19.51 -12.48 18.31
N GLY A 4 18.71 -13.51 18.59
CA GLY A 4 17.39 -13.31 19.16
C GLY A 4 16.34 -13.07 18.10
N CYS A 5 16.74 -13.19 16.84
CA CYS A 5 15.82 -13.01 15.72
C CYS A 5 15.65 -14.30 14.93
N SER A 6 14.42 -14.56 14.48
CA SER A 6 14.11 -15.77 13.73
C SER A 6 14.83 -15.80 12.40
N CYS A 7 15.29 -16.99 12.00
CA CYS A 7 16.02 -17.14 10.75
C CYS A 7 15.62 -18.40 9.99
N ASP A 8 15.74 -18.34 8.66
CA ASP A 8 15.42 -19.46 7.79
C ASP A 8 15.98 -19.19 6.40
N HIS A 9 16.24 -20.23 5.63
CA HIS A 9 16.86 -20.04 4.32
C HIS A 9 15.98 -20.52 3.16
N ILE A 10 15.99 -19.75 2.08
CA ILE A 10 15.23 -20.04 0.87
C ILE A 10 16.22 -20.17 -0.28
N PRO A 11 15.96 -21.08 -1.25
CA PRO A 11 16.84 -21.21 -2.42
C PRO A 11 17.06 -19.90 -3.16
N GLY A 12 18.17 -19.79 -3.90
CA GLY A 12 19.12 -20.87 -4.06
C GLY A 12 20.22 -20.89 -3.01
N GLY A 14 19.87 -18.26 0.23
CA GLY A 14 19.56 -16.97 0.82
C GLY A 14 18.80 -17.09 2.13
N LEU A 15 19.40 -16.59 3.20
CA LEU A 15 18.79 -16.60 4.52
C LEU A 15 17.77 -15.48 4.65
N LYS A 16 16.73 -15.70 5.44
CA LYS A 16 15.77 -14.62 5.73
C LYS A 16 15.81 -14.29 7.22
N MET A 17 15.73 -13.00 7.54
CA MET A 17 15.85 -12.54 8.92
C MET A 17 14.60 -11.79 9.36
N ASN A 18 14.00 -12.26 10.44
CA ASN A 18 12.76 -11.67 10.95
C ASN A 18 12.97 -10.98 12.31
N CYS A 19 13.19 -9.68 12.27
CA CYS A 19 13.35 -8.89 13.48
C CYS A 19 12.26 -7.83 13.59
N ASN A 20 11.01 -8.28 13.74
CA ASN A 20 9.87 -7.39 13.84
C ASN A 20 9.34 -7.29 15.25
N ASN A 21 8.88 -6.09 15.61
CA ASN A 21 8.35 -5.79 16.95
C ASN A 21 9.37 -6.07 18.06
N ARG A 22 10.63 -6.21 17.67
CA ARG A 22 11.73 -6.33 18.62
C ARG A 22 12.29 -4.96 18.92
N ASN A 23 12.56 -4.68 20.19
CA ASN A 23 13.07 -3.37 20.59
C ASN A 23 14.45 -3.13 20.00
N VAL A 24 14.48 -2.45 18.85
CA VAL A 24 15.72 -2.23 18.11
C VAL A 24 16.04 -0.75 17.98
N SER A 25 17.11 -0.31 18.63
CA SER A 25 17.51 1.09 18.64
C SER A 25 18.24 1.48 17.36
N SER A 26 19.27 0.71 17.00
CA SER A 26 20.04 1.02 15.78
C SER A 26 20.22 -0.24 14.94
N LEU A 27 21.02 -0.15 13.88
CA LEU A 27 21.19 -1.29 12.97
C LEU A 27 22.47 -2.06 13.21
N ALA A 28 23.41 -1.43 13.89
CA ALA A 28 24.73 -2.02 14.13
C ALA A 28 24.75 -2.89 15.39
N ASP A 29 23.58 -3.38 15.80
CA ASP A 29 23.47 -4.18 17.00
C ASP A 29 23.06 -5.63 16.72
N LEU A 30 23.64 -6.23 15.69
CA LEU A 30 23.32 -7.60 15.33
C LEU A 30 24.54 -8.49 15.48
N LYS A 31 24.31 -9.80 15.54
CA LYS A 31 25.40 -10.75 15.65
C LYS A 31 26.04 -10.99 14.29
N SER A 35 27.45 -14.19 4.99
CA SER A 35 26.17 -13.54 5.23
C SER A 35 25.04 -14.23 4.46
N ASN A 36 25.00 -13.97 3.15
CA ASN A 36 23.99 -14.55 2.26
C ASN A 36 22.57 -14.29 2.72
N VAL A 37 22.33 -13.13 3.32
CA VAL A 37 20.99 -12.75 3.76
C VAL A 37 20.26 -12.04 2.62
N GLN A 38 19.11 -12.58 2.23
CA GLN A 38 18.35 -12.03 1.11
C GLN A 38 17.15 -11.20 1.57
N GLU A 39 16.49 -11.66 2.62
CA GLU A 39 15.30 -10.97 3.11
C GLU A 39 15.46 -10.51 4.56
N LEU A 40 15.39 -9.19 4.76
CA LEU A 40 15.55 -8.61 6.09
C LEU A 40 14.30 -7.85 6.51
N PHE A 41 13.61 -8.36 7.53
CA PHE A 41 12.41 -7.73 8.05
C PHE A 41 12.71 -6.90 9.29
N LEU A 42 12.53 -5.59 9.19
CA LEU A 42 12.76 -4.69 10.31
C LEU A 42 11.59 -3.73 10.46
N ARG A 43 10.43 -4.29 10.79
CA ARG A 43 9.19 -3.50 10.89
C ARG A 43 8.79 -3.30 12.34
N ASP A 44 8.19 -2.14 12.62
CA ASP A 44 7.67 -1.79 13.95
C ASP A 44 8.76 -1.76 15.02
N ASN A 45 9.96 -1.34 14.62
CA ASN A 45 11.05 -1.15 15.58
C ASN A 45 11.27 0.34 15.84
N LYS A 46 12.40 0.68 16.46
CA LYS A 46 12.67 2.07 16.83
C LYS A 46 14.03 2.55 16.30
N ILE A 47 14.20 2.49 14.99
CA ILE A 47 15.48 2.86 14.37
C ILE A 47 15.51 4.33 13.98
N HIS A 48 16.35 5.09 14.67
CA HIS A 48 16.41 6.54 14.51
C HIS A 48 17.00 6.97 13.17
N SER A 49 17.97 6.22 12.67
CA SER A 49 18.62 6.55 11.40
C SER A 49 19.39 5.36 10.84
N ILE A 50 19.72 5.44 9.54
CA ILE A 50 20.51 4.40 8.90
C ILE A 50 21.76 5.01 8.25
N ARG A 51 22.85 4.25 8.25
CA ARG A 51 24.12 4.75 7.76
C ARG A 51 24.75 3.78 6.76
N LYS A 52 25.80 4.22 6.08
CA LYS A 52 26.49 3.41 5.09
C LYS A 52 27.02 2.12 5.71
N SER A 53 27.52 2.24 6.95
CA SER A 53 28.13 1.13 7.66
C SER A 53 27.16 -0.04 7.89
N HIS A 54 25.88 0.27 7.99
CA HIS A 54 24.87 -0.72 8.34
C HIS A 54 24.65 -1.76 7.24
N PHE A 55 24.90 -1.37 5.99
CA PHE A 55 24.56 -2.23 4.86
C PHE A 55 25.76 -2.67 4.02
N VAL A 56 26.96 -2.43 4.53
CA VAL A 56 28.16 -2.91 3.88
C VAL A 56 28.20 -4.44 3.94
N ASP A 57 27.73 -4.98 5.06
CA ASP A 57 27.68 -6.42 5.27
C ASP A 57 26.62 -7.08 4.38
N TYR A 58 25.48 -6.41 4.24
CA TYR A 58 24.37 -6.93 3.44
C TYR A 58 24.49 -6.53 1.97
N LYS A 59 24.94 -7.46 1.14
CA LYS A 59 25.04 -7.20 -0.29
C LYS A 59 24.19 -8.20 -1.07
N ASN A 60 23.52 -9.10 -0.35
CA ASN A 60 22.69 -10.12 -0.98
C ASN A 60 21.20 -9.88 -0.74
N LEU A 61 20.87 -8.75 -0.13
CA LEU A 61 19.47 -8.41 0.14
C LEU A 61 18.66 -8.23 -1.12
N ILE A 62 17.54 -8.94 -1.21
CA ILE A 62 16.60 -8.76 -2.31
C ILE A 62 15.37 -8.01 -1.82
N LEU A 63 15.13 -8.08 -0.53
CA LEU A 63 13.99 -7.43 0.09
C LEU A 63 14.42 -6.77 1.40
N LEU A 64 14.25 -5.45 1.49
CA LEU A 64 14.56 -4.73 2.70
C LEU A 64 13.34 -3.99 3.23
N ASP A 65 12.78 -4.50 4.33
CA ASP A 65 11.61 -3.88 4.92
C ASP A 65 11.94 -3.04 6.16
N LEU A 66 11.97 -1.73 5.98
CA LEU A 66 12.09 -0.80 7.12
C LEU A 66 10.79 -0.04 7.30
N GLY A 67 9.82 -0.68 7.97
CA GLY A 67 8.52 -0.07 8.18
C GLY A 67 8.21 0.29 9.63
N ASN A 68 7.50 1.41 9.80
CA ASN A 68 7.06 1.87 11.12
C ASN A 68 8.23 2.06 12.09
N ASN A 69 9.37 2.50 11.55
CA ASN A 69 10.51 2.86 12.38
C ASN A 69 10.47 4.35 12.66
N ASN A 70 11.53 4.86 13.30
CA ASN A 70 11.63 6.27 13.60
C ASN A 70 12.76 6.92 12.80
N ILE A 71 12.99 6.40 11.59
CA ILE A 71 14.05 6.89 10.73
C ILE A 71 13.89 8.36 10.34
N ALA A 72 14.81 9.19 10.81
CA ALA A 72 14.72 10.63 10.56
C ALA A 72 15.62 11.05 9.41
N THR A 73 16.81 10.45 9.32
CA THR A 73 17.77 10.82 8.29
C THR A 73 18.41 9.60 7.64
N VAL A 74 18.78 9.75 6.37
CA VAL A 74 19.47 8.68 5.64
C VAL A 74 20.74 9.22 5.01
N GLU A 75 21.88 8.66 5.43
CA GLU A 75 23.18 9.09 4.92
C GLU A 75 23.30 8.81 3.43
N ASN A 76 24.01 9.70 2.73
CA ASN A 76 24.24 9.53 1.29
C ASN A 76 24.97 8.24 0.99
N ASN A 77 24.64 7.63 -0.15
CA ASN A 77 25.24 6.38 -0.59
C ASN A 77 25.11 5.26 0.44
N THR A 78 23.96 5.19 1.10
CA THR A 78 23.72 4.17 2.10
C THR A 78 23.50 2.80 1.49
N PHE A 79 22.77 2.76 0.38
CA PHE A 79 22.44 1.51 -0.30
C PHE A 79 23.28 1.26 -1.54
N LYS A 80 24.52 1.71 -1.53
CA LYS A 80 25.34 1.67 -2.73
C LYS A 80 25.72 0.24 -3.14
N ASN A 81 26.01 -0.59 -2.14
CA ASN A 81 26.44 -1.95 -2.40
C ASN A 81 25.26 -2.89 -2.64
N LEU A 82 24.05 -2.37 -2.49
CA LEU A 82 22.85 -3.19 -2.64
C LEU A 82 22.35 -3.18 -4.09
N LEU A 83 22.62 -4.27 -4.80
CA LEU A 83 22.25 -4.37 -6.22
C LEU A 83 21.20 -5.45 -6.43
N ASP A 84 21.06 -6.35 -5.45
CA ASP A 84 20.07 -7.41 -5.52
C ASP A 84 18.71 -6.91 -5.01
N LEU A 85 18.70 -5.72 -4.45
CA LEU A 85 17.49 -5.18 -3.83
C LEU A 85 16.48 -4.74 -4.88
N ARG A 86 15.28 -5.33 -4.83
CA ARG A 86 14.21 -5.00 -5.77
C ARG A 86 13.05 -4.30 -5.07
N TRP A 87 12.80 -4.66 -3.82
CA TRP A 87 11.71 -4.08 -3.05
C TRP A 87 12.22 -3.40 -1.79
N LEU A 88 11.95 -2.09 -1.68
CA LEU A 88 12.38 -1.33 -0.51
C LEU A 88 11.19 -0.65 0.16
N TYR A 89 10.86 -1.14 1.36
CA TYR A 89 9.79 -0.56 2.17
C TYR A 89 10.36 0.42 3.20
N MET A 90 9.97 1.68 3.10
CA MET A 90 10.34 2.67 4.10
C MET A 90 9.16 3.57 4.43
N ASP A 91 8.14 2.99 5.06
CA ASP A 91 6.92 3.69 5.39
C ASP A 91 6.76 3.93 6.89
N SER A 92 5.91 4.89 7.23
CA SER A 92 5.68 5.30 8.62
C SER A 92 6.98 5.71 9.31
N ASN A 93 7.90 6.26 8.54
CA ASN A 93 9.13 6.84 9.06
C ASN A 93 9.05 8.35 8.98
N TYR A 94 10.12 9.04 9.39
CA TYR A 94 10.12 10.50 9.35
C TYR A 94 11.17 11.02 8.38
N LEU A 95 10.89 10.92 7.09
CA LEU A 95 11.82 11.41 6.06
C LEU A 95 11.44 12.79 5.58
N ASP A 96 12.33 13.77 5.78
CA ASP A 96 12.04 15.16 5.45
C ASP A 96 12.12 15.43 3.95
N THR A 97 13.21 14.99 3.32
CA THR A 97 13.40 15.19 1.90
C THR A 97 14.00 13.96 1.22
N LEU A 98 13.86 13.89 -0.11
CA LEU A 98 14.49 12.84 -0.89
C LEU A 98 15.45 13.44 -1.90
N SER A 99 16.65 12.87 -1.99
CA SER A 99 17.65 13.33 -2.94
C SER A 99 18.17 12.18 -3.79
N ARG A 100 18.81 12.51 -4.91
CA ARG A 100 19.38 11.50 -5.79
C ARG A 100 20.50 10.73 -5.11
N GLU A 101 21.28 11.44 -4.29
CA GLU A 101 22.44 10.85 -3.63
C GLU A 101 22.05 9.79 -2.59
N LYS A 102 20.85 9.93 -2.01
CA LYS A 102 20.39 9.01 -0.98
C LYS A 102 20.00 7.65 -1.55
N PHE A 103 19.65 7.61 -2.83
CA PHE A 103 19.16 6.38 -3.46
C PHE A 103 20.16 5.80 -4.46
N ALA A 104 21.36 6.34 -4.47
CA ALA A 104 22.41 5.84 -5.36
C ALA A 104 22.80 4.41 -5.00
N GLY A 105 23.02 3.58 -6.02
CA GLY A 105 23.43 2.21 -5.81
C GLY A 105 22.33 1.20 -6.07
N LEU A 106 21.09 1.68 -6.14
CA LEU A 106 19.94 0.83 -6.38
C LEU A 106 19.57 0.78 -7.86
N GLN A 107 20.24 -0.11 -8.60
CA GLN A 107 20.03 -0.20 -10.04
C GLN A 107 18.93 -1.20 -10.41
N ASN A 108 18.67 -2.16 -9.53
CA ASN A 108 17.66 -3.16 -9.80
C ASN A 108 16.43 -3.03 -8.91
N LEU A 109 16.27 -1.87 -8.28
CA LEU A 109 15.08 -1.60 -7.48
C LEU A 109 13.90 -1.37 -8.41
N GLU A 110 12.77 -2.01 -8.10
CA GLU A 110 11.57 -1.87 -8.91
C GLU A 110 10.45 -1.18 -8.16
N TYR A 111 10.36 -1.47 -6.87
CA TYR A 111 9.25 -1.01 -6.04
C TYR A 111 9.74 -0.21 -4.83
N LEU A 112 9.42 1.07 -4.81
CA LEU A 112 9.80 1.93 -3.69
C LEU A 112 8.56 2.47 -2.98
N ASN A 113 8.47 2.21 -1.68
CA ASN A 113 7.35 2.68 -0.88
C ASN A 113 7.81 3.59 0.26
N VAL A 114 7.43 4.87 0.17
CA VAL A 114 7.75 5.83 1.23
C VAL A 114 6.51 6.63 1.59
N GLU A 115 5.48 5.95 2.10
CA GLU A 115 4.25 6.59 2.51
C GLU A 115 4.24 6.90 4.01
N TYR A 116 3.34 7.80 4.41
CA TYR A 116 3.22 8.23 5.80
C TYR A 116 4.55 8.71 6.38
N ASN A 117 5.26 9.52 5.59
CA ASN A 117 6.45 10.21 6.07
C ASN A 117 6.21 11.70 6.09
N ALA A 118 7.24 12.48 6.41
CA ALA A 118 7.12 13.93 6.44
C ALA A 118 7.86 14.56 5.27
N ILE A 119 7.78 13.90 4.11
CA ILE A 119 8.48 14.37 2.91
C ILE A 119 7.86 15.65 2.37
N GLN A 120 8.64 16.73 2.43
CA GLN A 120 8.16 18.04 2.00
C GLN A 120 8.77 18.47 0.67
N LEU A 121 9.81 17.76 0.24
CA LEU A 121 10.47 18.11 -1.03
C LEU A 121 11.22 16.93 -1.65
N ILE A 122 11.03 16.77 -2.95
CA ILE A 122 11.80 15.80 -3.74
C ILE A 122 12.77 16.57 -4.62
N LEU A 123 14.06 16.33 -4.45
CA LEU A 123 15.09 17.03 -5.21
C LEU A 123 15.15 16.53 -6.66
N PRO A 124 15.54 17.42 -7.59
CA PRO A 124 15.69 17.12 -9.02
C PRO A 124 16.44 15.82 -9.29
N GLY A 125 15.88 14.99 -10.17
CA GLY A 125 16.53 13.76 -10.59
C GLY A 125 16.77 12.77 -9.48
N THR A 126 15.91 12.78 -8.46
CA THR A 126 16.03 11.85 -7.35
C THR A 126 15.85 10.42 -7.83
N PHE A 127 14.95 10.22 -8.78
CA PHE A 127 14.59 8.89 -9.23
C PHE A 127 15.41 8.44 -10.44
N ASN A 128 16.44 9.21 -10.80
CA ASN A 128 17.38 8.78 -11.81
C ASN A 128 18.29 7.67 -11.27
N ALA A 129 18.31 7.55 -9.93
CA ALA A 129 19.15 6.58 -9.26
C ALA A 129 18.65 5.15 -9.44
N MET A 130 17.34 4.99 -9.60
CA MET A 130 16.74 3.67 -9.73
C MET A 130 16.02 3.51 -11.06
N PRO A 131 16.77 3.20 -12.12
CA PRO A 131 16.26 3.15 -13.50
C PRO A 131 15.18 2.10 -13.73
N LYS A 132 15.21 1.00 -12.98
CA LYS A 132 14.25 -0.08 -13.17
C LYS A 132 13.04 0.05 -12.24
N LEU A 133 12.84 1.24 -11.69
CA LEU A 133 11.71 1.50 -10.81
C LEU A 133 10.39 1.45 -11.58
N ARG A 134 9.44 0.67 -11.08
CA ARG A 134 8.16 0.50 -11.74
C ARG A 134 7.01 1.04 -10.90
N ILE A 135 7.10 0.88 -9.58
CA ILE A 135 6.06 1.34 -8.68
C ILE A 135 6.61 2.33 -7.66
N LEU A 136 5.97 3.48 -7.55
CA LEU A 136 6.40 4.52 -6.62
C LEU A 136 5.27 4.95 -5.70
N ILE A 137 5.49 4.78 -4.40
CA ILE A 137 4.49 5.11 -3.39
C ILE A 137 4.92 6.33 -2.58
N LEU A 138 4.24 7.46 -2.80
CA LEU A 138 4.61 8.72 -2.17
C LEU A 138 3.45 9.34 -1.40
N ASN A 139 2.36 8.59 -1.25
CA ASN A 139 1.16 9.12 -0.63
C ASN A 139 1.32 9.44 0.85
N ASN A 140 0.37 10.19 1.40
CA ASN A 140 0.37 10.58 2.81
C ASN A 140 1.67 11.23 3.25
N ASN A 141 2.10 12.25 2.52
CA ASN A 141 3.29 13.02 2.87
C ASN A 141 2.96 14.50 3.00
N LEU A 142 3.99 15.33 3.00
CA LEU A 142 3.80 16.78 3.12
C LEU A 142 4.22 17.49 1.84
N LEU A 143 4.05 16.82 0.71
CA LEU A 143 4.43 17.39 -0.58
C LEU A 143 3.43 18.42 -1.07
N ARG A 144 3.95 19.51 -1.63
CA ARG A 144 3.11 20.58 -2.17
C ARG A 144 3.53 20.93 -3.60
N SER A 145 4.62 20.32 -4.05
CA SER A 145 5.14 20.58 -5.39
C SER A 145 6.11 19.49 -5.84
N LEU A 146 6.24 19.34 -7.16
CA LEU A 146 7.19 18.39 -7.74
C LEU A 146 8.13 19.11 -8.69
N PRO A 147 9.42 18.73 -8.67
CA PRO A 147 10.43 19.38 -9.51
C PRO A 147 10.33 18.94 -10.97
N VAL A 148 10.87 19.75 -11.87
CA VAL A 148 10.88 19.43 -13.29
C VAL A 148 11.79 18.23 -13.55
N ASP A 149 11.38 17.37 -14.49
CA ASP A 149 12.14 16.18 -14.88
C ASP A 149 12.37 15.20 -13.73
N VAL A 150 11.41 15.16 -12.80
CA VAL A 150 11.50 14.24 -11.67
C VAL A 150 11.15 12.82 -12.12
N PHE A 151 10.28 12.71 -13.12
CA PHE A 151 9.84 11.42 -13.62
C PHE A 151 10.47 11.09 -14.98
N ALA A 152 11.47 11.87 -15.36
CA ALA A 152 12.12 11.70 -16.66
C ALA A 152 13.01 10.46 -16.68
N GLY A 153 13.62 10.15 -15.55
CA GLY A 153 14.59 9.07 -15.48
C GLY A 153 14.01 7.67 -15.41
N VAL A 154 12.71 7.57 -15.14
CA VAL A 154 12.09 6.26 -14.96
C VAL A 154 10.80 6.07 -15.74
N SER A 155 10.46 4.80 -15.98
CA SER A 155 9.19 4.43 -16.60
C SER A 155 8.30 3.76 -15.57
N LEU A 156 7.38 4.53 -14.99
CA LEU A 156 6.53 4.04 -13.91
C LEU A 156 5.21 3.51 -14.46
N SER A 157 4.75 2.38 -13.92
CA SER A 157 3.45 1.82 -14.29
C SER A 157 2.40 2.25 -13.28
N LYS A 158 2.82 2.43 -12.03
CA LYS A 158 1.92 2.86 -10.97
C LYS A 158 2.55 3.93 -10.08
N LEU A 159 1.78 4.97 -9.78
CA LEU A 159 2.23 6.05 -8.92
C LEU A 159 1.12 6.47 -7.95
N SER A 160 1.47 6.60 -6.68
CA SER A 160 0.50 6.97 -5.65
C SER A 160 0.89 8.28 -4.96
N LEU A 161 0.19 9.36 -5.30
CA LEU A 161 0.50 10.67 -4.74
C LEU A 161 -0.68 11.22 -3.93
N HIS A 162 -1.62 10.35 -3.58
CA HIS A 162 -2.83 10.80 -2.89
C HIS A 162 -2.53 11.23 -1.45
N ASN A 163 -3.48 11.95 -0.85
CA ASN A 163 -3.37 12.44 0.53
C ASN A 163 -2.10 13.26 0.78
N ASN A 164 -1.80 14.17 -0.14
CA ASN A 164 -0.75 15.16 0.11
C ASN A 164 -1.38 16.56 0.23
N TYR A 165 -0.63 17.59 -0.13
CA TYR A 165 -1.10 18.97 0.01
C TYR A 165 -1.08 19.74 -1.29
N PHE A 166 -1.28 19.02 -2.39
CA PHE A 166 -1.27 19.64 -3.70
C PHE A 166 -2.52 20.50 -3.97
N MET A 167 -2.29 21.68 -4.51
CA MET A 167 -3.39 22.54 -4.93
C MET A 167 -3.43 22.61 -6.45
N TYR A 168 -2.34 22.20 -7.07
CA TYR A 168 -2.23 22.13 -8.52
C TYR A 168 -1.05 21.25 -8.89
N LEU A 169 -0.92 20.93 -10.17
CA LEU A 169 0.22 20.15 -10.64
C LEU A 169 0.66 20.61 -12.03
N PRO A 170 1.96 20.87 -12.20
CA PRO A 170 2.48 21.30 -13.49
C PRO A 170 2.55 20.14 -14.48
N VAL A 171 1.94 20.32 -15.65
CA VAL A 171 1.91 19.28 -16.67
C VAL A 171 3.24 19.20 -17.40
N ALA A 172 3.74 20.35 -17.83
CA ALA A 172 4.98 20.41 -18.59
C ALA A 172 6.20 20.14 -17.70
N GLY A 173 6.86 19.01 -17.95
CA GLY A 173 8.10 18.67 -17.26
C GLY A 173 7.92 17.73 -16.08
N VAL A 174 6.68 17.62 -15.58
CA VAL A 174 6.43 16.81 -14.39
C VAL A 174 5.43 15.69 -14.69
N LEU A 175 4.36 16.01 -15.40
CA LEU A 175 3.31 15.04 -15.68
C LEU A 175 3.29 14.58 -17.14
N ASP A 176 3.81 15.42 -18.04
CA ASP A 176 3.85 15.08 -19.45
C ASP A 176 4.90 14.01 -19.72
N GLN A 177 5.87 13.89 -18.82
CA GLN A 177 6.92 12.90 -18.95
C GLN A 177 6.50 11.57 -18.33
N LEU A 178 5.26 11.52 -17.84
CA LEU A 178 4.71 10.28 -17.31
C LEU A 178 4.14 9.42 -18.43
N THR A 179 4.95 8.51 -18.94
CA THR A 179 4.50 7.54 -19.92
C THR A 179 4.54 6.14 -19.33
N SER A 180 3.93 5.19 -20.03
CA SER A 180 3.79 3.81 -19.54
C SER A 180 3.02 3.76 -18.23
N ILE A 181 2.18 4.78 -18.00
CA ILE A 181 1.37 4.85 -16.79
C ILE A 181 0.12 4.01 -16.95
N ILE A 182 -0.17 3.18 -15.95
CA ILE A 182 -1.32 2.29 -16.00
C ILE A 182 -2.23 2.53 -14.80
N GLN A 183 -1.65 3.08 -13.73
CA GLN A 183 -2.42 3.46 -12.55
C GLN A 183 -1.80 4.67 -11.86
N ILE A 184 -2.64 5.65 -11.50
CA ILE A 184 -2.18 6.83 -10.78
C ILE A 184 -3.23 7.30 -9.77
N ASP A 185 -2.79 7.60 -8.55
CA ASP A 185 -3.71 8.00 -7.49
C ASP A 185 -3.44 9.44 -7.03
N LEU A 186 -4.48 10.27 -7.07
CA LEU A 186 -4.37 11.67 -6.65
C LEU A 186 -5.64 12.13 -5.94
N HIS A 187 -5.81 11.75 -4.68
CA HIS A 187 -6.96 12.21 -3.92
C HIS A 187 -6.58 12.56 -2.48
N GLY A 188 -7.50 13.23 -1.78
CA GLY A 188 -7.19 13.72 -0.45
C GLY A 188 -6.27 14.93 -0.55
N ASN A 189 -6.14 15.44 -1.77
CA ASN A 189 -5.36 16.64 -2.02
C ASN A 189 -6.24 17.88 -2.12
N PRO A 190 -5.81 18.98 -1.50
CA PRO A 190 -6.57 20.24 -1.49
C PRO A 190 -6.56 20.94 -2.84
N TRP A 191 -7.12 20.33 -3.86
CA TRP A 191 -7.19 20.95 -5.18
C TRP A 191 -8.00 22.24 -5.13
N GLU A 192 -7.52 23.27 -5.81
CA GLU A 192 -8.30 24.50 -5.95
C GLU A 192 -8.83 24.62 -7.37
N CYS A 193 -10.13 24.86 -7.48
CA CYS A 193 -10.77 25.03 -8.78
C CYS A 193 -10.60 26.46 -9.28
N SER A 194 -9.50 26.71 -9.97
CA SER A 194 -9.22 28.03 -10.54
C SER A 194 -8.58 27.90 -11.91
N CYS A 195 -8.07 29.02 -12.43
CA CYS A 195 -7.43 29.03 -13.73
C CYS A 195 -6.12 28.25 -13.73
N THR A 196 -5.62 27.94 -12.54
CA THR A 196 -4.37 27.23 -12.38
C THR A 196 -4.54 25.71 -12.50
N ILE A 197 -5.77 25.24 -12.28
CA ILE A 197 -6.03 23.80 -12.26
C ILE A 197 -6.45 23.27 -13.63
N VAL A 198 -6.76 24.19 -14.54
CA VAL A 198 -7.23 23.82 -15.88
C VAL A 198 -6.22 22.97 -16.68
N PRO A 199 -4.93 23.35 -16.69
CA PRO A 199 -4.00 22.48 -17.43
C PRO A 199 -3.90 21.07 -16.87
N PHE A 200 -3.99 20.93 -15.55
CA PHE A 200 -3.96 19.63 -14.91
C PHE A 200 -5.24 18.85 -15.20
N LYS A 201 -6.36 19.57 -15.29
CA LYS A 201 -7.65 18.96 -15.60
C LYS A 201 -7.64 18.33 -16.98
N GLN A 202 -7.04 19.01 -17.95
CA GLN A 202 -6.99 18.53 -19.32
C GLN A 202 -6.14 17.26 -19.43
N TRP A 203 -4.99 17.25 -18.77
CA TRP A 203 -4.11 16.09 -18.77
C TRP A 203 -4.80 14.87 -18.17
N ALA A 204 -5.61 15.12 -17.13
CA ALA A 204 -6.34 14.05 -16.47
C ALA A 204 -7.47 13.54 -17.35
N GLU A 205 -7.97 14.39 -18.24
CA GLU A 205 -9.01 14.00 -19.18
C GLU A 205 -8.43 13.23 -20.36
N ARG A 206 -7.20 13.56 -20.72
CA ARG A 206 -6.51 12.89 -21.82
C ARG A 206 -5.92 11.56 -21.36
N LEU A 207 -6.07 11.27 -20.07
CA LEU A 207 -5.61 10.01 -19.51
C LEU A 207 -6.45 8.84 -19.99
N GLY A 208 -5.98 7.62 -19.71
CA GLY A 208 -6.74 6.42 -20.03
C GLY A 208 -8.00 6.33 -19.20
N SER A 209 -8.88 5.40 -19.57
CA SER A 209 -10.18 5.27 -18.94
C SER A 209 -10.09 4.88 -17.46
N GLU A 210 -9.18 3.95 -17.14
CA GLU A 210 -9.07 3.45 -15.77
C GLU A 210 -7.70 3.69 -15.14
N VAL A 211 -6.88 4.52 -15.77
CA VAL A 211 -5.56 4.82 -15.25
C VAL A 211 -5.66 5.68 -13.99
N LEU A 212 -6.74 6.45 -13.89
CA LEU A 212 -6.98 7.26 -12.70
C LEU A 212 -7.77 6.45 -11.68
N MET A 213 -7.11 6.08 -10.58
CA MET A 213 -7.68 5.16 -9.61
C MET A 213 -8.92 5.73 -8.90
N SER A 214 -8.83 6.96 -8.44
CA SER A 214 -9.94 7.58 -7.72
C SER A 214 -10.29 8.94 -8.31
N ASP A 215 -11.54 9.35 -8.15
CA ASP A 215 -12.02 10.63 -8.66
C ASP A 215 -11.40 11.80 -7.90
N LEU A 216 -11.11 12.88 -8.61
CA LEU A 216 -10.50 14.05 -8.00
C LEU A 216 -11.56 15.09 -7.66
N LYS A 217 -11.60 15.50 -6.39
CA LYS A 217 -12.61 16.45 -5.94
C LYS A 217 -11.96 17.73 -5.39
N CYS A 218 -12.67 18.84 -5.52
CA CYS A 218 -12.11 20.15 -5.16
C CYS A 218 -12.20 20.46 -3.68
N GLU A 219 -11.38 21.40 -3.22
CA GLU A 219 -11.39 21.87 -1.85
C GLU A 219 -11.77 23.34 -1.79
N THR A 220 -11.22 24.11 -2.74
CA THR A 220 -11.50 25.54 -2.84
C THR A 220 -11.79 25.91 -4.30
N PRO A 221 -12.63 26.94 -4.52
CA PRO A 221 -13.33 27.79 -3.55
C PRO A 221 -14.46 27.07 -2.82
N VAL A 222 -15.10 27.77 -1.89
CA VAL A 222 -16.15 27.19 -1.06
C VAL A 222 -17.33 26.69 -1.88
N ASN A 223 -17.58 27.35 -3.02
CA ASN A 223 -18.73 27.02 -3.85
C ASN A 223 -18.57 25.74 -4.67
N PHE A 224 -17.37 25.18 -4.67
CA PHE A 224 -17.09 23.95 -5.39
C PHE A 224 -16.60 22.84 -4.46
N PHE A 225 -17.08 22.83 -3.23
CA PHE A 225 -16.63 21.88 -2.23
C PHE A 225 -17.06 20.46 -2.55
N ARG A 226 -16.09 19.54 -2.52
CA ARG A 226 -16.32 18.13 -2.82
C ARG A 226 -17.00 17.92 -4.17
N LYS A 227 -16.59 18.72 -5.16
CA LYS A 227 -17.19 18.63 -6.48
C LYS A 227 -16.17 18.17 -7.52
N ASP A 228 -16.47 17.04 -8.16
CA ASP A 228 -15.61 16.46 -9.18
C ASP A 228 -15.43 17.44 -10.34
N PHE A 229 -14.21 17.93 -10.52
CA PHE A 229 -13.94 18.92 -11.56
C PHE A 229 -13.64 18.27 -12.91
N MET A 230 -13.73 16.94 -12.96
CA MET A 230 -13.60 16.23 -14.23
C MET A 230 -14.88 16.37 -15.04
N LEU A 231 -15.98 16.65 -14.34
CA LEU A 231 -17.27 16.82 -14.98
C LEU A 231 -17.51 18.29 -15.35
N LEU A 232 -17.02 19.19 -14.50
CA LEU A 232 -17.21 20.62 -14.68
C LEU A 232 -16.58 21.14 -15.97
N SER A 233 -17.11 22.25 -16.47
CA SER A 233 -16.57 22.88 -17.66
C SER A 233 -15.51 23.91 -17.29
N ASN A 234 -14.63 24.23 -18.23
CA ASN A 234 -13.57 25.19 -18.00
C ASN A 234 -14.09 26.60 -17.75
N ASP A 235 -15.24 26.92 -18.34
CA ASP A 235 -15.84 28.24 -18.18
C ASP A 235 -16.41 28.41 -16.77
N GLU A 236 -16.83 27.31 -16.17
CA GLU A 236 -17.29 27.33 -14.78
C GLU A 236 -16.10 27.62 -13.86
N ILE A 237 -15.00 26.92 -14.12
CA ILE A 237 -13.79 27.06 -13.33
C ILE A 237 -13.09 28.40 -13.62
N CYS A 238 -12.86 28.67 -14.90
CA CYS A 238 -12.19 29.90 -15.31
C CYS A 238 -12.84 30.50 -16.56
N PRO A 239 -13.68 31.52 -16.37
CA PRO A 239 -14.37 32.19 -17.48
C PRO A 239 -13.44 33.09 -18.29
N GLY B 3 4.85 -19.15 -21.74
CA GLY B 3 4.88 -18.79 -23.14
C GLY B 3 4.25 -17.43 -23.41
N GLY B 4 5.00 -16.56 -24.06
CA GLY B 4 4.52 -15.22 -24.39
C GLY B 4 4.84 -14.22 -23.30
N CYS B 5 5.32 -14.72 -22.16
CA CYS B 5 5.68 -13.87 -21.04
C CYS B 5 7.17 -13.93 -20.74
N SER B 6 7.77 -12.77 -20.52
CA SER B 6 9.20 -12.67 -20.23
C SER B 6 9.56 -13.51 -19.01
N CYS B 7 10.60 -14.33 -19.14
CA CYS B 7 11.05 -15.18 -18.06
C CYS B 7 12.54 -15.02 -17.81
N ASP B 8 12.91 -14.70 -16.57
CA ASP B 8 14.31 -14.52 -16.21
C ASP B 8 14.71 -15.43 -15.05
N HIS B 9 15.93 -15.26 -14.54
CA HIS B 9 16.47 -16.15 -13.51
C HIS B 9 16.99 -15.35 -12.31
N ILE B 10 16.19 -15.30 -11.25
CA ILE B 10 16.61 -14.65 -10.01
C ILE B 10 17.69 -15.51 -9.35
N PRO B 11 18.47 -14.94 -8.41
CA PRO B 11 19.56 -15.69 -7.77
C PRO B 11 19.18 -17.08 -7.29
N GLY B 12 19.79 -18.10 -7.90
CA GLY B 12 19.52 -19.48 -7.56
C GLY B 12 18.10 -19.91 -7.93
N SER B 13 17.67 -21.02 -7.37
CA SER B 13 16.29 -21.50 -7.55
C SER B 13 15.33 -20.68 -6.71
N GLY B 14 14.11 -20.47 -7.20
CA GLY B 14 13.73 -20.89 -8.54
C GLY B 14 13.80 -19.71 -9.47
N LEU B 15 13.10 -19.80 -10.59
CA LEU B 15 13.03 -18.72 -11.55
C LEU B 15 11.86 -17.80 -11.22
N LYS B 16 11.66 -16.78 -12.04
CA LYS B 16 10.48 -15.91 -11.88
C LYS B 16 9.82 -15.69 -13.23
N MET B 17 8.50 -15.54 -13.21
CA MET B 17 7.74 -15.28 -14.42
C MET B 17 7.14 -13.88 -14.41
N ASN B 18 7.55 -13.07 -15.39
CA ASN B 18 7.08 -11.70 -15.51
C ASN B 18 6.10 -11.54 -16.66
N CYS B 19 4.75 -11.57 -16.29
CA CYS B 19 3.76 -11.44 -17.35
C CYS B 19 2.88 -10.22 -17.12
N ASN B 20 3.51 -9.04 -17.14
CA ASN B 20 2.81 -7.79 -16.85
C ASN B 20 2.51 -6.99 -18.10
N ASN B 21 1.40 -6.26 -18.06
CA ASN B 21 0.95 -5.42 -19.18
C ASN B 21 0.77 -6.20 -20.48
N ARG B 22 0.76 -7.52 -20.37
CA ARG B 22 0.42 -8.38 -21.49
C ARG B 22 -1.08 -8.65 -21.48
N ASN B 23 -1.76 -8.27 -22.56
CA ASN B 23 -3.16 -8.60 -22.72
C ASN B 23 -3.41 -10.08 -22.60
N VAL B 24 -3.80 -10.53 -21.41
CA VAL B 24 -4.10 -11.94 -21.18
C VAL B 24 -5.48 -12.07 -20.54
N SER B 25 -6.36 -12.85 -21.17
CA SER B 25 -7.74 -12.97 -20.72
C SER B 25 -7.97 -14.22 -19.89
N SER B 26 -7.28 -15.30 -20.25
CA SER B 26 -7.49 -16.59 -19.60
C SER B 26 -6.35 -16.99 -18.69
N LEU B 27 -6.62 -17.93 -17.79
CA LEU B 27 -5.63 -18.42 -16.84
C LEU B 27 -4.86 -19.62 -17.38
N ALA B 28 -5.45 -20.31 -18.34
CA ALA B 28 -4.89 -21.57 -18.84
C ALA B 28 -3.85 -21.36 -19.93
N ASP B 29 -3.53 -20.10 -20.21
CA ASP B 29 -2.53 -19.78 -21.22
C ASP B 29 -1.20 -19.38 -20.58
N SER B 35 8.41 -26.78 -15.25
CA SER B 35 9.18 -25.88 -14.41
C SER B 35 8.31 -25.21 -13.37
N ASN B 36 8.55 -25.52 -12.10
CA ASN B 36 7.76 -24.95 -11.02
C ASN B 36 8.36 -23.64 -10.53
N VAL B 37 7.61 -22.56 -10.70
CA VAL B 37 8.09 -21.22 -10.41
C VAL B 37 7.72 -20.77 -9.00
N GLN B 38 8.44 -19.78 -8.48
CA GLN B 38 8.21 -19.28 -7.13
C GLN B 38 7.57 -17.89 -7.12
N GLU B 39 7.95 -17.05 -8.08
CA GLU B 39 7.40 -15.71 -8.19
C GLU B 39 6.64 -15.54 -9.50
N LEU B 40 5.39 -15.13 -9.42
CA LEU B 40 4.56 -14.95 -10.61
C LEU B 40 3.91 -13.57 -10.66
N PHE B 41 4.26 -12.80 -11.69
CA PHE B 41 3.74 -11.44 -11.84
C PHE B 41 2.65 -11.37 -12.90
N LEU B 42 1.45 -10.97 -12.48
CA LEU B 42 0.33 -10.78 -13.40
C LEU B 42 -0.37 -9.46 -13.11
N ARG B 43 0.23 -8.36 -13.56
CA ARG B 43 -0.28 -7.03 -13.25
C ARG B 43 -0.63 -6.26 -14.52
N ASP B 44 -1.65 -5.40 -14.42
CA ASP B 44 -2.11 -4.56 -15.52
C ASP B 44 -2.56 -5.38 -16.72
N ASN B 45 -3.32 -6.44 -16.44
CA ASN B 45 -3.86 -7.29 -17.49
C ASN B 45 -5.38 -7.29 -17.46
N LYS B 46 -5.99 -8.17 -18.26
CA LYS B 46 -7.44 -8.26 -18.31
C LYS B 46 -7.93 -9.67 -18.01
N ILE B 47 -7.82 -10.06 -16.74
CA ILE B 47 -8.24 -11.39 -16.31
C ILE B 47 -9.59 -11.32 -15.59
N HIS B 48 -10.61 -11.92 -16.18
CA HIS B 48 -11.98 -11.80 -15.67
C HIS B 48 -12.26 -12.70 -14.46
N SER B 49 -11.67 -13.90 -14.44
CA SER B 49 -11.92 -14.83 -13.36
C SER B 49 -10.78 -15.82 -13.15
N ILE B 50 -10.72 -16.40 -11.96
CA ILE B 50 -9.72 -17.41 -11.64
C ILE B 50 -10.38 -18.64 -11.00
N ARG B 51 -9.85 -19.83 -11.32
CA ARG B 51 -10.40 -21.08 -10.81
C ARG B 51 -9.30 -21.97 -10.25
N LYS B 52 -9.69 -23.09 -9.63
CA LYS B 52 -8.75 -23.97 -8.96
C LYS B 52 -7.85 -24.72 -9.93
N SER B 53 -8.27 -24.80 -11.19
CA SER B 53 -7.49 -25.47 -12.21
C SER B 53 -6.24 -24.67 -12.58
N HIS B 54 -6.20 -23.42 -12.13
CA HIS B 54 -5.13 -22.50 -12.47
C HIS B 54 -3.90 -22.66 -11.58
N PHE B 55 -4.12 -23.11 -10.35
CA PHE B 55 -3.05 -23.15 -9.35
C PHE B 55 -2.65 -24.56 -8.92
N VAL B 56 -3.04 -25.57 -9.68
CA VAL B 56 -2.68 -26.94 -9.35
C VAL B 56 -1.25 -27.25 -9.75
N ASP B 57 -0.80 -26.65 -10.86
CA ASP B 57 0.56 -26.87 -11.35
C ASP B 57 1.57 -26.08 -10.54
N TYR B 58 1.24 -24.83 -10.26
CA TYR B 58 2.10 -23.97 -9.46
C TYR B 58 1.97 -24.32 -7.98
N LYS B 59 2.98 -25.02 -7.45
CA LYS B 59 2.98 -25.42 -6.04
C LYS B 59 4.23 -24.95 -5.32
N ASN B 60 5.07 -24.17 -6.01
CA ASN B 60 6.27 -23.61 -5.38
C ASN B 60 6.19 -22.10 -5.28
N LEU B 61 5.03 -21.55 -5.58
CA LEU B 61 4.81 -20.11 -5.55
C LEU B 61 5.00 -19.51 -4.16
N ILE B 62 5.82 -18.48 -4.08
CA ILE B 62 6.02 -17.74 -2.85
C ILE B 62 5.36 -16.37 -2.98
N LEU B 63 5.43 -15.81 -4.18
CA LEU B 63 4.87 -14.50 -4.47
C LEU B 63 3.90 -14.55 -5.64
N LEU B 64 2.64 -14.22 -5.38
CA LEU B 64 1.62 -14.20 -6.41
C LEU B 64 1.06 -12.79 -6.59
N ASP B 65 1.24 -12.23 -7.78
CA ASP B 65 0.83 -10.86 -8.06
C ASP B 65 -0.34 -10.82 -9.03
N LEU B 66 -1.52 -10.50 -8.52
CA LEU B 66 -2.71 -10.35 -9.36
C LEU B 66 -3.30 -8.95 -9.21
N GLY B 67 -2.68 -7.98 -9.86
CA GLY B 67 -3.07 -6.59 -9.71
C GLY B 67 -3.65 -5.96 -10.96
N ASN B 68 -4.58 -5.03 -10.75
CA ASN B 68 -5.23 -4.26 -11.81
C ASN B 68 -5.86 -5.14 -12.89
N ASN B 69 -6.42 -6.26 -12.49
CA ASN B 69 -7.15 -7.13 -13.40
C ASN B 69 -8.65 -6.90 -13.25
N ASN B 70 -9.44 -7.62 -14.04
CA ASN B 70 -10.89 -7.49 -13.97
C ASN B 70 -11.53 -8.70 -13.28
N ILE B 71 -10.82 -9.27 -12.32
CA ILE B 71 -11.27 -10.46 -11.61
C ILE B 71 -12.59 -10.21 -10.88
N ALA B 72 -13.64 -10.88 -11.32
CA ALA B 72 -14.97 -10.67 -10.78
C ALA B 72 -15.39 -11.76 -9.81
N THR B 73 -14.84 -12.96 -9.97
CA THR B 73 -15.23 -14.08 -9.12
C THR B 73 -14.07 -15.03 -8.84
N VAL B 74 -14.10 -15.65 -7.66
CA VAL B 74 -13.09 -16.61 -7.26
C VAL B 74 -13.73 -17.91 -6.79
N GLU B 75 -13.38 -19.01 -7.45
CA GLU B 75 -13.93 -20.32 -7.12
C GLU B 75 -13.47 -20.76 -5.73
N ASN B 76 -14.37 -21.44 -5.01
CA ASN B 76 -14.04 -21.96 -3.68
C ASN B 76 -12.92 -22.99 -3.75
N ASN B 77 -12.08 -22.99 -2.70
CA ASN B 77 -10.94 -23.91 -2.61
C ASN B 77 -10.01 -23.81 -3.81
N THR B 78 -9.87 -22.60 -4.35
CA THR B 78 -8.99 -22.36 -5.49
C THR B 78 -7.52 -22.36 -5.06
N PHE B 79 -7.23 -21.60 -4.02
CA PHE B 79 -5.85 -21.49 -3.53
C PHE B 79 -5.44 -22.72 -2.73
N LYS B 80 -6.41 -23.58 -2.42
CA LYS B 80 -6.11 -24.84 -1.76
C LYS B 80 -5.72 -25.89 -2.78
N ASN B 81 -4.48 -26.39 -2.69
CA ASN B 81 -3.56 -25.94 -1.65
C ASN B 81 -2.28 -25.37 -2.24
N LEU B 82 -2.08 -24.06 -2.07
CA LEU B 82 -0.89 -23.40 -2.59
C LEU B 82 0.08 -23.03 -1.47
N LEU B 83 0.84 -24.02 -1.02
CA LEU B 83 1.91 -23.80 -0.05
C LEU B 83 3.24 -23.68 -0.78
N ASP B 84 4.11 -22.78 -0.31
CA ASP B 84 3.84 -21.92 0.84
C ASP B 84 3.80 -20.47 0.42
N LEU B 85 2.67 -20.03 -0.13
CA LEU B 85 2.49 -18.65 -0.55
C LEU B 85 2.62 -17.70 0.63
N ARG B 86 3.36 -16.61 0.45
CA ARG B 86 3.57 -15.65 1.53
C ARG B 86 2.91 -14.31 1.23
N TRP B 87 3.02 -13.86 -0.02
CA TRP B 87 2.45 -12.58 -0.42
C TRP B 87 1.42 -12.75 -1.53
N LEU B 88 0.18 -12.32 -1.25
CA LEU B 88 -0.89 -12.39 -2.24
C LEU B 88 -1.42 -11.01 -2.59
N TYR B 89 -1.22 -10.61 -3.85
CA TYR B 89 -1.72 -9.33 -4.35
C TYR B 89 -3.02 -9.51 -5.12
N MET B 90 -4.08 -8.85 -4.66
CA MET B 90 -5.35 -8.84 -5.38
C MET B 90 -6.02 -7.48 -5.27
N ASP B 91 -5.46 -6.49 -5.95
CA ASP B 91 -5.97 -5.13 -5.89
C ASP B 91 -6.45 -4.63 -7.24
N SER B 92 -7.29 -3.60 -7.21
CA SER B 92 -7.90 -3.02 -8.41
C SER B 92 -8.68 -4.07 -9.19
N ASN B 93 -9.25 -5.03 -8.48
CA ASN B 93 -10.14 -6.04 -9.07
C ASN B 93 -11.58 -5.78 -8.67
N TYR B 94 -12.50 -6.62 -9.14
CA TYR B 94 -13.92 -6.47 -8.78
C TYR B 94 -14.40 -7.66 -7.96
N LEU B 95 -14.05 -7.70 -6.68
CA LEU B 95 -14.38 -8.82 -5.79
C LEU B 95 -15.50 -8.49 -4.80
N ASP B 96 -16.70 -8.99 -5.09
CA ASP B 96 -17.90 -8.70 -4.30
C ASP B 96 -17.76 -9.07 -2.83
N THR B 97 -17.40 -10.33 -2.56
CA THR B 97 -17.36 -10.82 -1.19
C THR B 97 -16.09 -11.61 -0.87
N LEU B 98 -15.80 -11.77 0.41
CA LEU B 98 -14.70 -12.61 0.86
C LEU B 98 -15.24 -13.75 1.72
N SER B 99 -14.89 -14.98 1.35
CA SER B 99 -15.36 -16.16 2.07
C SER B 99 -14.21 -17.00 2.60
N ARG B 100 -14.48 -17.78 3.63
CA ARG B 100 -13.48 -18.68 4.21
C ARG B 100 -13.00 -19.70 3.18
N GLU B 101 -13.93 -20.22 2.40
CA GLU B 101 -13.62 -21.26 1.42
C GLU B 101 -12.79 -20.71 0.26
N LYS B 102 -12.97 -19.42 -0.03
CA LYS B 102 -12.25 -18.78 -1.13
C LYS B 102 -10.75 -18.64 -0.83
N PHE B 103 -10.41 -18.63 0.47
CA PHE B 103 -9.02 -18.43 0.88
C PHE B 103 -8.40 -19.66 1.52
N ALA B 104 -9.11 -20.78 1.46
CA ALA B 104 -8.61 -22.02 2.03
C ALA B 104 -7.33 -22.48 1.32
N GLY B 105 -6.39 -23.01 2.09
CA GLY B 105 -5.17 -23.54 1.53
C GLY B 105 -3.94 -22.67 1.74
N LEU B 106 -4.16 -21.43 2.18
CA LEU B 106 -3.05 -20.50 2.40
C LEU B 106 -2.65 -20.47 3.87
N GLN B 107 -1.77 -21.40 4.26
CA GLN B 107 -1.39 -21.54 5.66
C GLN B 107 -0.15 -20.72 6.02
N ASN B 108 0.69 -20.46 5.03
CA ASN B 108 1.90 -19.69 5.26
C ASN B 108 1.82 -18.28 4.68
N LEU B 109 0.60 -17.84 4.39
CA LEU B 109 0.38 -16.49 3.88
C LEU B 109 0.54 -15.47 5.01
N GLU B 110 1.38 -14.46 4.77
CA GLU B 110 1.65 -13.44 5.78
C GLU B 110 0.97 -12.11 5.44
N TYR B 111 0.90 -11.82 4.14
CA TYR B 111 0.46 -10.51 3.69
C TYR B 111 -0.58 -10.60 2.57
N LEU B 112 -1.80 -10.17 2.87
CA LEU B 112 -2.88 -10.17 1.88
C LEU B 112 -3.34 -8.74 1.59
N ASN B 113 -3.25 -8.36 0.32
CA ASN B 113 -3.63 -7.01 -0.10
C ASN B 113 -4.84 -7.02 -1.04
N VAL B 114 -5.96 -6.52 -0.55
CA VAL B 114 -7.16 -6.37 -1.36
C VAL B 114 -7.69 -4.94 -1.26
N GLU B 115 -7.19 -4.06 -2.11
CA GLU B 115 -7.63 -2.67 -2.14
C GLU B 115 -8.24 -2.32 -3.49
N TYR B 116 -9.01 -1.24 -3.51
CA TYR B 116 -9.71 -0.80 -4.71
C TYR B 116 -10.53 -1.91 -5.36
N ASN B 117 -11.21 -2.70 -4.52
CA ASN B 117 -12.20 -3.67 -4.97
C ASN B 117 -13.60 -3.23 -4.53
N ALA B 118 -14.62 -3.95 -4.95
CA ALA B 118 -16.00 -3.63 -4.55
C ALA B 118 -16.51 -4.65 -3.55
N ILE B 119 -15.90 -4.69 -2.37
CA ILE B 119 -16.26 -5.65 -1.32
C ILE B 119 -17.41 -5.16 -0.46
N GLN B 120 -18.58 -5.75 -0.69
CA GLN B 120 -19.79 -5.41 0.06
C GLN B 120 -19.80 -6.05 1.45
N LEU B 121 -19.45 -7.33 1.52
CA LEU B 121 -19.48 -8.04 2.80
C LEU B 121 -18.38 -9.10 2.90
N ILE B 122 -17.98 -9.39 4.12
CA ILE B 122 -17.00 -10.44 4.39
C ILE B 122 -17.61 -11.48 5.30
N LEU B 123 -17.63 -12.74 4.84
CA LEU B 123 -18.20 -13.82 5.64
C LEU B 123 -17.40 -14.04 6.92
N PRO B 124 -18.07 -14.48 7.99
CA PRO B 124 -17.40 -14.71 9.27
C PRO B 124 -16.37 -15.83 9.20
N GLY B 125 -15.24 -15.65 9.87
CA GLY B 125 -14.19 -16.64 9.90
C GLY B 125 -13.49 -16.80 8.57
N THR B 126 -13.46 -15.73 7.77
CA THR B 126 -12.80 -15.75 6.48
C THR B 126 -11.29 -15.90 6.64
N PHE B 127 -10.75 -15.28 7.69
CA PHE B 127 -9.32 -15.25 7.90
C PHE B 127 -8.85 -16.40 8.80
N ASN B 128 -9.74 -17.36 9.04
CA ASN B 128 -9.35 -18.60 9.68
C ASN B 128 -8.46 -19.43 8.76
N ALA B 129 -8.62 -19.20 7.46
CA ALA B 129 -7.90 -19.95 6.44
C ALA B 129 -6.41 -19.62 6.44
N MET B 130 -6.07 -18.40 6.84
CA MET B 130 -4.68 -17.95 6.83
C MET B 130 -4.20 -17.58 8.23
N PRO B 131 -3.70 -18.57 8.99
CA PRO B 131 -3.32 -18.38 10.39
C PRO B 131 -2.05 -17.56 10.58
N LYS B 132 -1.21 -17.47 9.55
CA LYS B 132 0.03 -16.72 9.64
C LYS B 132 -0.11 -15.30 9.10
N LEU B 133 -1.35 -14.86 8.91
CA LEU B 133 -1.63 -13.54 8.38
C LEU B 133 -1.29 -12.46 9.41
N ARG B 134 -0.51 -11.47 9.00
CA ARG B 134 -0.09 -10.41 9.90
C ARG B 134 -0.51 -9.03 9.39
N ILE B 135 -0.50 -8.86 8.08
CA ILE B 135 -0.88 -7.58 7.48
C ILE B 135 -2.08 -7.73 6.54
N LEU B 136 -3.13 -6.95 6.81
CA LEU B 136 -4.35 -7.01 6.02
C LEU B 136 -4.67 -5.65 5.41
N ILE B 137 -4.75 -5.61 4.08
CA ILE B 137 -5.03 -4.37 3.36
C ILE B 137 -6.41 -4.42 2.71
N LEU B 138 -7.34 -3.63 3.24
CA LEU B 138 -8.72 -3.64 2.78
C LEU B 138 -9.29 -2.24 2.54
N ASN B 139 -8.44 -1.32 2.08
CA ASN B 139 -8.90 0.05 1.86
C ASN B 139 -9.56 0.25 0.51
N ASN B 140 -10.27 1.35 0.36
CA ASN B 140 -10.97 1.71 -0.87
C ASN B 140 -11.92 0.62 -1.37
N ASN B 141 -12.76 0.13 -0.47
CA ASN B 141 -13.79 -0.84 -0.84
C ASN B 141 -15.19 -0.26 -0.63
N LEU B 142 -16.19 -1.13 -0.68
CA LEU B 142 -17.58 -0.71 -0.48
C LEU B 142 -18.10 -1.24 0.85
N LEU B 143 -17.18 -1.46 1.78
CA LEU B 143 -17.51 -2.02 3.09
C LEU B 143 -18.31 -1.05 3.95
N ARG B 144 -19.31 -1.56 4.64
CA ARG B 144 -20.12 -0.73 5.52
C ARG B 144 -20.23 -1.33 6.90
N SER B 145 -19.83 -2.60 7.03
CA SER B 145 -19.93 -3.30 8.30
C SER B 145 -18.97 -4.49 8.35
N LEU B 146 -18.64 -4.92 9.57
CA LEU B 146 -17.80 -6.08 9.77
C LEU B 146 -18.47 -7.04 10.73
N PRO B 147 -18.51 -8.34 10.36
CA PRO B 147 -19.18 -9.36 11.16
C PRO B 147 -18.44 -9.68 12.46
N VAL B 148 -19.10 -10.41 13.35
CA VAL B 148 -18.49 -10.82 14.60
C VAL B 148 -17.51 -11.95 14.34
N ASP B 149 -16.44 -12.02 15.13
CA ASP B 149 -15.40 -13.04 14.99
C ASP B 149 -14.74 -12.99 13.62
N VAL B 150 -14.61 -11.79 13.06
CA VAL B 150 -13.97 -11.63 11.76
C VAL B 150 -12.44 -11.63 11.90
N PHE B 151 -11.95 -11.13 13.03
CA PHE B 151 -10.51 -11.02 13.26
C PHE B 151 -10.05 -11.98 14.35
N ALA B 152 -10.94 -12.87 14.76
CA ALA B 152 -10.65 -13.82 15.83
C ALA B 152 -9.61 -14.85 15.40
N GLY B 153 -9.63 -15.21 14.12
CA GLY B 153 -8.76 -16.25 13.61
C GLY B 153 -7.31 -15.85 13.43
N VAL B 154 -7.04 -14.55 13.42
CA VAL B 154 -5.69 -14.07 13.14
C VAL B 154 -5.18 -13.04 14.13
N SER B 155 -3.86 -12.96 14.25
CA SER B 155 -3.20 -11.93 15.04
C SER B 155 -2.56 -10.91 14.10
N LEU B 156 -3.26 -9.82 13.84
CA LEU B 156 -2.87 -8.87 12.81
C LEU B 156 -1.98 -7.73 13.31
N SER B 157 -0.83 -7.58 12.67
CA SER B 157 0.10 -6.50 12.99
C SER B 157 -0.37 -5.18 12.40
N LYS B 158 -0.74 -5.20 11.12
CA LYS B 158 -1.18 -3.99 10.43
C LYS B 158 -2.48 -4.21 9.68
N LEU B 159 -3.46 -3.36 9.94
CA LEU B 159 -4.75 -3.44 9.26
C LEU B 159 -5.11 -2.11 8.59
N SER B 160 -5.53 -2.20 7.34
CA SER B 160 -5.98 -1.01 6.60
C SER B 160 -7.45 -1.15 6.23
N LEU B 161 -8.30 -0.34 6.87
CA LEU B 161 -9.73 -0.34 6.59
C LEU B 161 -10.21 1.04 6.18
N HIS B 162 -9.27 1.92 5.85
CA HIS B 162 -9.60 3.29 5.54
C HIS B 162 -10.26 3.43 4.16
N ASN B 163 -10.83 4.60 3.91
CA ASN B 163 -11.52 4.90 2.65
C ASN B 163 -12.63 3.91 2.28
N ASN B 164 -13.41 3.50 3.27
CA ASN B 164 -14.60 2.69 3.04
C ASN B 164 -15.85 3.50 3.33
N TYR B 165 -16.93 2.79 3.68
CA TYR B 165 -18.17 3.45 4.07
C TYR B 165 -18.59 3.05 5.48
N PHE B 166 -17.77 3.42 6.46
CA PHE B 166 -18.07 3.12 7.87
C PHE B 166 -18.65 4.34 8.58
N MET B 167 -19.81 4.15 9.19
CA MET B 167 -20.42 5.17 10.04
C MET B 167 -20.16 4.84 11.50
N TYR B 168 -19.81 3.58 11.75
CA TYR B 168 -19.54 3.08 13.09
C TYR B 168 -18.85 1.72 13.01
N LEU B 169 -18.34 1.27 14.14
CA LEU B 169 -17.74 -0.06 14.23
C LEU B 169 -17.96 -0.65 15.61
N PRO B 170 -18.40 -1.91 15.68
CA PRO B 170 -18.63 -2.57 16.96
C PRO B 170 -17.32 -3.02 17.59
N VAL B 171 -17.10 -2.63 18.85
CA VAL B 171 -15.88 -2.98 19.56
C VAL B 171 -15.86 -4.45 19.92
N ALA B 172 -16.93 -4.91 20.56
CA ALA B 172 -17.02 -6.28 21.03
C ALA B 172 -17.12 -7.28 19.87
N GLY B 173 -16.14 -8.17 19.79
CA GLY B 173 -16.18 -9.25 18.81
C GLY B 173 -15.55 -8.92 17.47
N VAL B 174 -15.28 -7.64 17.22
CA VAL B 174 -14.73 -7.21 15.94
C VAL B 174 -13.40 -6.48 16.13
N LEU B 175 -13.35 -5.56 17.09
CA LEU B 175 -12.17 -4.73 17.28
C LEU B 175 -11.35 -5.11 18.52
N ASP B 176 -12.00 -5.71 19.51
CA ASP B 176 -11.29 -6.14 20.72
C ASP B 176 -10.46 -7.40 20.45
N GLN B 177 -10.81 -8.11 19.39
CA GLN B 177 -10.11 -9.33 19.01
C GLN B 177 -8.76 -9.01 18.36
N LEU B 178 -8.55 -7.74 18.02
CA LEU B 178 -7.29 -7.29 17.46
C LEU B 178 -6.29 -7.00 18.59
N THR B 179 -5.56 -8.03 18.98
CA THR B 179 -4.67 -7.94 20.12
C THR B 179 -3.28 -7.43 19.74
N SER B 180 -2.55 -8.20 18.95
CA SER B 180 -1.19 -7.83 18.55
C SER B 180 -1.18 -6.83 17.40
N ILE B 181 -1.87 -5.70 17.60
CA ILE B 181 -1.96 -4.66 16.58
C ILE B 181 -0.94 -3.57 16.84
N ILE B 182 -0.30 -3.10 15.77
CA ILE B 182 0.72 -2.06 15.87
C ILE B 182 0.36 -0.87 14.99
N GLN B 183 -0.40 -1.13 13.93
CA GLN B 183 -0.84 -0.06 13.03
C GLN B 183 -2.23 -0.34 12.46
N ILE B 184 -3.09 0.68 12.51
CA ILE B 184 -4.44 0.57 11.96
C ILE B 184 -4.87 1.91 11.35
N ASP B 185 -5.38 1.87 10.13
CA ASP B 185 -5.78 3.09 9.42
C ASP B 185 -7.29 3.14 9.20
N LEU B 186 -7.90 4.24 9.62
CA LEU B 186 -9.35 4.40 9.52
C LEU B 186 -9.75 5.83 9.13
N HIS B 187 -9.49 6.20 7.88
CA HIS B 187 -9.87 7.52 7.40
C HIS B 187 -10.56 7.41 6.04
N GLY B 188 -11.29 8.45 5.64
CA GLY B 188 -12.07 8.39 4.42
C GLY B 188 -13.35 7.62 4.67
N ASN B 189 -13.62 7.35 5.94
CA ASN B 189 -14.87 6.72 6.36
C ASN B 189 -15.84 7.77 6.88
N PRO B 190 -17.09 7.74 6.39
CA PRO B 190 -18.11 8.70 6.83
C PRO B 190 -18.55 8.44 8.26
N TRP B 191 -17.69 8.73 9.22
CA TRP B 191 -18.00 8.51 10.64
C TRP B 191 -19.14 9.40 11.09
N GLU B 192 -20.07 8.84 11.86
CA GLU B 192 -21.20 9.58 12.39
C GLU B 192 -21.05 9.83 13.88
N CYS B 193 -20.96 11.10 14.26
CA CYS B 193 -20.79 11.47 15.66
C CYS B 193 -22.09 11.33 16.44
N SER B 194 -22.32 10.15 16.99
CA SER B 194 -23.50 9.89 17.81
C SER B 194 -23.15 8.97 18.97
N CYS B 195 -24.16 8.51 19.70
CA CYS B 195 -23.94 7.60 20.81
C CYS B 195 -23.54 6.22 20.33
N THR B 196 -23.72 5.98 19.04
CA THR B 196 -23.33 4.71 18.43
C THR B 196 -21.81 4.63 18.22
N ILE B 197 -21.19 5.79 18.08
CA ILE B 197 -19.76 5.86 17.80
C ILE B 197 -18.94 5.95 19.09
N VAL B 198 -19.63 6.21 20.20
CA VAL B 198 -18.98 6.37 21.50
C VAL B 198 -18.17 5.14 21.96
N PRO B 199 -18.73 3.92 21.82
CA PRO B 199 -17.87 2.78 22.19
C PRO B 199 -16.65 2.66 21.28
N PHE B 200 -16.82 2.99 20.00
CA PHE B 200 -15.72 2.97 19.05
C PHE B 200 -14.68 4.03 19.39
N LYS B 201 -15.16 5.21 19.79
CA LYS B 201 -14.28 6.28 20.21
C LYS B 201 -13.52 5.89 21.48
N GLN B 202 -14.23 5.25 22.40
CA GLN B 202 -13.65 4.79 23.65
C GLN B 202 -12.55 3.76 23.38
N TRP B 203 -12.81 2.86 22.43
CA TRP B 203 -11.83 1.86 22.04
C TRP B 203 -10.62 2.50 21.36
N ALA B 204 -10.88 3.57 20.62
CA ALA B 204 -9.82 4.29 19.90
C ALA B 204 -8.89 5.01 20.87
N GLU B 205 -9.42 5.40 22.02
CA GLU B 205 -8.62 6.07 23.04
C GLU B 205 -7.76 5.09 23.83
N ARG B 206 -8.28 3.87 24.01
CA ARG B 206 -7.55 2.85 24.75
C ARG B 206 -6.44 2.24 23.91
N LEU B 207 -6.31 2.72 22.67
CA LEU B 207 -5.29 2.22 21.76
C LEU B 207 -3.89 2.68 22.16
N GLY B 208 -2.89 2.10 21.51
CA GLY B 208 -1.50 2.47 21.76
C GLY B 208 -1.18 3.90 21.32
N SER B 209 0.06 4.31 21.53
CA SER B 209 0.46 5.68 21.27
C SER B 209 0.52 6.02 19.78
N GLU B 210 1.14 5.15 18.99
CA GLU B 210 1.36 5.42 17.57
C GLU B 210 0.58 4.46 16.66
N VAL B 211 -0.35 3.71 17.24
CA VAL B 211 -1.04 2.66 16.51
C VAL B 211 -2.07 3.22 15.51
N LEU B 212 -2.63 4.38 15.83
CA LEU B 212 -3.60 5.01 14.93
C LEU B 212 -2.85 5.86 13.91
N MET B 213 -2.83 5.39 12.65
CA MET B 213 -2.03 6.02 11.61
C MET B 213 -2.49 7.42 11.25
N SER B 214 -3.80 7.63 11.18
CA SER B 214 -4.34 8.93 10.80
C SER B 214 -5.52 9.33 11.68
N ASP B 215 -5.78 10.63 11.75
CA ASP B 215 -6.87 11.16 12.57
C ASP B 215 -8.24 10.81 11.97
N LEU B 216 -9.23 10.64 12.85
CA LEU B 216 -10.57 10.26 12.42
C LEU B 216 -11.48 11.48 12.41
N LYS B 217 -12.00 11.82 11.23
CA LYS B 217 -12.84 13.00 11.07
C LYS B 217 -14.32 12.62 11.02
N CYS B 218 -15.16 13.46 11.61
CA CYS B 218 -16.60 13.22 11.59
C CYS B 218 -17.23 13.70 10.28
N GLU B 219 -18.25 12.98 9.83
CA GLU B 219 -18.99 13.34 8.63
C GLU B 219 -20.35 13.90 8.99
N THR B 220 -21.01 13.25 9.93
CA THR B 220 -22.34 13.64 10.39
C THR B 220 -22.41 13.64 11.91
N PRO B 221 -23.23 14.52 12.51
CA PRO B 221 -24.08 15.54 11.88
C PRO B 221 -23.28 16.71 11.29
N VAL B 222 -23.98 17.64 10.65
CA VAL B 222 -23.35 18.74 9.94
C VAL B 222 -22.56 19.66 10.88
N ASN B 223 -23.03 19.81 12.11
CA ASN B 223 -22.39 20.71 13.06
C ASN B 223 -21.06 20.18 13.59
N PHE B 224 -20.75 18.92 13.29
CA PHE B 224 -19.49 18.31 13.71
C PHE B 224 -18.63 17.91 12.51
N PHE B 225 -18.85 18.57 11.37
CA PHE B 225 -18.17 18.22 10.13
C PHE B 225 -16.66 18.46 10.22
N ARG B 226 -15.88 17.46 9.82
CA ARG B 226 -14.42 17.52 9.81
C ARG B 226 -13.83 17.82 11.18
N LYS B 227 -14.48 17.34 12.23
CA LYS B 227 -13.97 17.50 13.58
C LYS B 227 -13.42 16.20 14.14
N ASP B 228 -12.18 16.24 14.60
CA ASP B 228 -11.56 15.09 15.26
C ASP B 228 -12.32 14.78 16.54
N PHE B 229 -13.06 13.67 16.56
CA PHE B 229 -13.89 13.35 17.72
C PHE B 229 -13.07 12.72 18.83
N MET B 230 -11.78 12.51 18.60
CA MET B 230 -10.88 12.09 19.67
C MET B 230 -10.69 13.26 20.63
N LEU B 231 -10.82 14.47 20.10
CA LEU B 231 -10.73 15.69 20.90
C LEU B 231 -12.07 16.00 21.56
N LEU B 232 -13.15 15.65 20.87
CA LEU B 232 -14.50 15.91 21.36
C LEU B 232 -14.77 15.21 22.69
N SER B 233 -15.61 15.82 23.51
CA SER B 233 -16.01 15.22 24.77
C SER B 233 -17.21 14.30 24.56
N ASN B 234 -17.35 13.30 25.42
CA ASN B 234 -18.47 12.37 25.32
C ASN B 234 -19.78 13.06 25.66
N ASP B 235 -19.70 14.13 26.44
CA ASP B 235 -20.86 14.94 26.77
C ASP B 235 -21.32 15.73 25.54
N GLU B 236 -20.36 16.06 24.68
CA GLU B 236 -20.64 16.82 23.47
C GLU B 236 -21.37 15.98 22.42
N ILE B 237 -20.86 14.77 22.19
CA ILE B 237 -21.40 13.90 21.16
C ILE B 237 -22.83 13.49 21.46
N CYS B 238 -23.04 12.80 22.58
CA CYS B 238 -24.38 12.43 23.00
C CYS B 238 -24.57 12.64 24.51
N PRO B 239 -25.49 13.54 24.88
CA PRO B 239 -25.80 13.83 26.28
C PRO B 239 -26.79 12.82 26.87
#